data_5C6P
#
_entry.id   5C6P
#
_cell.length_a   117.642
_cell.length_b   117.642
_cell.length_c   225.989
_cell.angle_alpha   90.00
_cell.angle_beta   90.00
_cell.angle_gamma   120.00
#
_symmetry.space_group_name_H-M   'P 32 2 1'
#
loop_
_entity.id
_entity.type
_entity.pdbx_description
1 polymer 'protein C'
2 polymer 'protein D'
3 non-polymer (2S)-2-(3,4-dimethoxyphenyl)-5-{[2-(3,4-dimethoxyphenyl)ethyl](methyl)amino}-2-(propan-2-yl)pentanenitrile
#
loop_
_entity_poly.entity_id
_entity_poly.type
_entity_poly.pdbx_seq_one_letter_code
_entity_poly.pdbx_strand_id
1 'polypeptide(L)'
;LDRFSFSVFLKEIRLLTALALPMLLAQVAQVGIGFVDTVMAGGAGKEDLAAVALGSSAFATVYITFMGIMAALNPMIAQL
YGAGKTGEAGETGRQGIWFGLILGIFGMILMWAAITPFRNWLTLSDYVEGTMAQYMLFTSLAMPAAMVHRALHAYASSLN
RPRLIMLVSFAAFVLNVPLNYIFVYGKFGMPALGGAGCGVATMAVFWFSALALWIYIAKEKFFRPFGLTAKFGKPDWAVF
KQIWKIGAPIGLSYFLEASAFSFIVFLIAPFGEDYVAAQQVGISLSGILYMIPQSVGSAGTVRIGFSLGRREFSRARYIS
GVSLVSGWVLAVITVLSLVLFRSPLASMYNDDPAVLSIASTVLLFAGLFQPADFTQCIASYALRGYKVTKVPMFIHAAAF
WGCGLLPGYLLAYRFDMGIYGFWTALIASLTIAAVALVWCLEKYSMELVKSHKAVSSGL
;
A
2 'polypeptide(L)'
;ENLYFQGSVSSVPTKLEVVAATPTSLLISWDARGEYVVYYRITYGETGGNSPVQEFTVPGSSSTATISGLSPGVDYTITV
YARSYYWGWYSPISINYRT
;
B
#
# COMPACT_ATOMS: atom_id res chain seq x y z
N LEU A 1 28.77 -6.09 -16.38
CA LEU A 1 28.02 -7.26 -15.85
C LEU A 1 28.28 -7.52 -14.35
N ASP A 2 29.16 -6.73 -13.73
CA ASP A 2 29.52 -6.93 -12.31
C ASP A 2 28.53 -6.29 -11.33
N ARG A 3 28.41 -4.96 -11.38
CA ARG A 3 27.38 -4.25 -10.59
C ARG A 3 26.61 -3.23 -11.46
N PHE A 4 25.52 -3.68 -12.07
CA PHE A 4 24.55 -2.81 -12.75
C PHE A 4 23.63 -2.17 -11.69
N SER A 5 23.92 -2.48 -10.42
CA SER A 5 23.32 -1.83 -9.25
C SER A 5 24.40 -1.01 -8.54
N PHE A 6 24.39 0.30 -8.79
CA PHE A 6 25.50 1.21 -8.44
C PHE A 6 25.81 1.32 -6.94
N SER A 7 25.29 2.38 -6.31
CA SER A 7 25.56 2.69 -4.91
C SER A 7 24.86 1.73 -3.97
N VAL A 8 25.61 0.76 -3.45
CA VAL A 8 25.04 -0.32 -2.63
C VAL A 8 24.43 0.16 -1.32
N PHE A 9 25.27 0.29 -0.29
CA PHE A 9 24.84 0.59 1.06
C PHE A 9 24.28 2.00 1.17
N LEU A 10 24.91 2.94 0.45
CA LEU A 10 24.55 4.36 0.51
C LEU A 10 23.10 4.70 0.13
N LYS A 11 22.20 3.96 0.77
CA LYS A 11 20.97 4.52 1.23
C LYS A 11 21.27 4.80 2.71
N GLU A 12 22.20 5.71 2.98
CA GLU A 12 22.69 5.98 4.36
C GLU A 12 23.65 7.17 4.56
N ILE A 13 23.51 7.82 5.73
CA ILE A 13 24.42 8.85 6.29
C ILE A 13 24.44 8.70 7.84
N ARG A 14 23.56 9.41 8.56
CA ARG A 14 23.20 9.07 9.95
C ARG A 14 21.73 9.44 10.27
N LEU A 15 20.86 8.44 10.08
CA LEU A 15 19.40 8.61 10.06
C LEU A 15 18.75 7.94 11.27
N LEU A 16 19.58 7.25 12.05
CA LEU A 16 19.19 6.43 13.20
C LEU A 16 17.82 6.75 13.84
N THR A 17 17.49 8.04 13.92
CA THR A 17 16.29 8.51 14.61
C THR A 17 15.07 8.80 13.70
N ALA A 18 15.04 8.17 12.52
CA ALA A 18 13.86 8.20 11.66
C ALA A 18 12.74 7.46 12.39
N LEU A 19 11.88 8.25 13.03
CA LEU A 19 10.79 7.72 13.82
C LEU A 19 9.52 7.60 12.97
N ALA A 20 9.65 6.75 11.95
CA ALA A 20 8.53 6.19 11.22
C ALA A 20 7.95 5.07 12.10
N LEU A 21 7.25 5.47 13.16
CA LEU A 21 6.70 4.52 14.13
C LEU A 21 5.29 4.86 14.60
N PRO A 22 4.64 5.84 13.95
CA PRO A 22 3.20 5.71 13.76
C PRO A 22 2.88 4.61 12.72
N MET A 23 3.86 4.29 11.88
CA MET A 23 3.79 3.22 10.87
C MET A 23 3.49 1.86 11.46
N LEU A 24 3.94 1.67 12.71
CA LEU A 24 3.68 0.49 13.50
C LEU A 24 2.19 0.43 13.79
N LEU A 25 1.63 1.62 13.97
CA LEU A 25 0.25 1.79 14.39
C LEU A 25 -0.67 1.93 13.18
N ALA A 26 -0.12 1.58 12.01
CA ALA A 26 -0.89 1.20 10.83
C ALA A 26 -1.14 -0.31 10.91
N GLN A 27 -0.24 -1.01 11.60
CA GLN A 27 -0.38 -2.45 11.90
C GLN A 27 -0.46 -2.77 13.40
N VAL A 28 -0.89 -1.78 14.17
CA VAL A 28 -1.33 -2.04 15.53
C VAL A 28 -2.85 -2.08 15.50
N ALA A 29 -3.42 -1.22 14.65
CA ALA A 29 -4.83 -1.31 14.30
C ALA A 29 -5.03 -2.49 13.36
N GLN A 30 -4.22 -2.54 12.29
CA GLN A 30 -4.36 -3.54 11.22
C GLN A 30 -4.24 -4.98 11.73
N VAL A 31 -3.80 -5.14 12.98
CA VAL A 31 -3.99 -6.40 13.71
C VAL A 31 -5.48 -6.62 14.03
N GLY A 32 -6.24 -5.52 14.11
CA GLY A 32 -7.68 -5.53 14.38
C GLY A 32 -8.47 -6.45 13.49
N ILE A 33 -8.31 -6.27 12.16
CA ILE A 33 -8.94 -7.11 11.14
C ILE A 33 -8.38 -8.54 11.11
N GLY A 34 -7.17 -8.71 11.64
CA GLY A 34 -6.76 -10.00 12.12
C GLY A 34 -7.74 -10.33 13.23
N PHE A 35 -7.61 -9.65 14.38
CA PHE A 35 -8.28 -10.07 15.63
C PHE A 35 -9.82 -9.98 15.70
N VAL A 36 -10.41 -9.79 14.53
CA VAL A 36 -11.80 -10.15 14.29
C VAL A 36 -11.84 -11.49 13.59
N ASP A 37 -11.38 -11.54 12.33
CA ASP A 37 -11.54 -12.74 11.50
C ASP A 37 -11.69 -14.02 12.34
N THR A 38 -10.74 -14.24 13.25
CA THR A 38 -10.68 -15.49 13.99
C THR A 38 -11.66 -15.56 15.21
N VAL A 39 -12.27 -14.43 15.62
CA VAL A 39 -13.46 -14.52 16.53
C VAL A 39 -14.62 -15.16 15.76
N MET A 40 -14.82 -14.68 14.53
CA MET A 40 -15.82 -15.25 13.65
C MET A 40 -15.42 -16.69 13.27
N ALA A 41 -14.12 -16.92 13.05
CA ALA A 41 -13.61 -18.27 12.81
C ALA A 41 -13.77 -19.16 14.05
N GLY A 42 -13.40 -18.63 15.22
CA GLY A 42 -13.55 -19.37 16.47
C GLY A 42 -14.76 -18.97 17.30
N GLY A 43 -15.92 -18.96 16.64
CA GLY A 43 -17.20 -18.70 17.28
C GLY A 43 -18.24 -19.55 16.57
N ALA A 44 -18.28 -19.38 15.26
CA ALA A 44 -18.85 -20.37 14.34
C ALA A 44 -17.99 -21.64 14.32
N GLY A 45 -17.73 -22.13 15.52
CA GLY A 45 -17.27 -23.49 15.77
C GLY A 45 -18.38 -24.17 16.56
N LYS A 46 -19.17 -23.34 17.23
CA LYS A 46 -20.41 -23.77 17.91
C LYS A 46 -21.44 -24.27 16.89
N GLU A 47 -21.10 -24.10 15.61
CA GLU A 47 -21.57 -24.94 14.51
C GLU A 47 -20.34 -25.62 13.90
N ASP A 48 -20.43 -26.92 13.66
CA ASP A 48 -19.32 -27.71 13.09
C ASP A 48 -19.32 -27.76 11.56
N LEU A 49 -20.46 -27.37 10.96
CA LEU A 49 -20.57 -27.18 9.52
C LEU A 49 -20.34 -25.71 9.26
N ALA A 50 -19.98 -25.01 10.35
CA ALA A 50 -19.31 -23.70 10.31
C ALA A 50 -17.80 -23.88 10.03
N ALA A 51 -17.59 -24.60 8.93
CA ALA A 51 -16.73 -24.12 7.91
C ALA A 51 -17.72 -23.11 7.26
N VAL A 52 -17.60 -21.88 7.74
CA VAL A 52 -18.28 -20.72 7.21
C VAL A 52 -17.25 -20.16 6.28
N ALA A 53 -16.08 -20.01 6.89
CA ALA A 53 -14.89 -19.38 6.36
C ALA A 53 -14.69 -19.69 4.87
N LEU A 54 -15.37 -20.73 4.40
CA LEU A 54 -15.37 -21.13 3.00
C LEU A 54 -15.88 -19.99 2.12
N GLY A 55 -16.81 -19.22 2.67
CA GLY A 55 -17.21 -17.95 2.08
C GLY A 55 -16.28 -16.84 2.50
N SER A 56 -16.26 -16.56 3.81
CA SER A 56 -15.40 -15.54 4.38
C SER A 56 -13.99 -15.65 3.79
N SER A 57 -13.67 -16.83 3.26
CA SER A 57 -12.45 -17.03 2.47
C SER A 57 -12.56 -16.29 1.16
N ALA A 58 -13.01 -16.99 0.12
CA ALA A 58 -13.08 -16.42 -1.23
C ALA A 58 -14.03 -15.22 -1.28
N PHE A 59 -14.18 -14.54 -0.14
CA PHE A 59 -14.64 -13.17 -0.13
C PHE A 59 -13.41 -12.26 -0.18
N ALA A 60 -12.57 -12.40 0.85
CA ALA A 60 -11.31 -11.67 0.94
C ALA A 60 -10.71 -11.56 -0.46
N THR A 61 -10.82 -12.64 -1.21
CA THR A 61 -10.51 -12.67 -2.63
C THR A 61 -10.81 -11.34 -3.33
N VAL A 62 -12.09 -10.96 -3.41
CA VAL A 62 -12.46 -9.73 -4.13
C VAL A 62 -12.39 -8.47 -3.28
N TYR A 63 -12.13 -8.64 -1.98
CA TYR A 63 -11.89 -7.49 -1.12
C TYR A 63 -10.45 -7.13 -1.33
N ILE A 64 -9.60 -8.07 -0.96
CA ILE A 64 -8.19 -7.82 -0.94
C ILE A 64 -7.60 -7.48 -2.30
N THR A 65 -8.04 -8.15 -3.36
CA THR A 65 -7.75 -7.60 -4.68
C THR A 65 -8.12 -6.09 -4.70
N PHE A 66 -9.41 -5.79 -4.80
CA PHE A 66 -9.88 -4.41 -5.00
C PHE A 66 -9.29 -3.45 -3.99
N MET A 67 -8.94 -4.00 -2.81
CA MET A 67 -8.29 -3.27 -1.73
C MET A 67 -6.95 -2.74 -2.19
N GLY A 68 -6.28 -3.51 -3.07
CA GLY A 68 -5.07 -3.10 -3.80
C GLY A 68 -5.31 -1.78 -4.50
N ILE A 69 -6.10 -1.83 -5.58
CA ILE A 69 -6.69 -0.65 -6.21
C ILE A 69 -6.82 0.51 -5.22
N MET A 70 -7.46 0.24 -4.10
CA MET A 70 -7.64 1.27 -3.10
C MET A 70 -6.41 1.60 -2.23
N ALA A 71 -5.64 0.59 -1.81
CA ALA A 71 -4.37 0.83 -1.11
C ALA A 71 -3.50 1.81 -1.91
N ALA A 72 -4.05 2.20 -3.07
CA ALA A 72 -3.37 2.99 -4.08
C ALA A 72 -3.28 4.49 -3.78
N LEU A 73 -4.05 4.95 -2.80
CA LEU A 73 -4.17 6.38 -2.56
C LEU A 73 -3.25 6.79 -1.45
N ASN A 74 -2.58 5.78 -0.91
CA ASN A 74 -1.59 5.96 0.11
C ASN A 74 -0.44 6.86 -0.35
N PRO A 75 -0.16 6.92 -1.68
CA PRO A 75 0.71 8.00 -2.16
C PRO A 75 -0.11 9.28 -2.44
N MET A 76 -0.95 9.24 -3.47
CA MET A 76 -1.89 10.31 -3.79
C MET A 76 -1.89 11.42 -2.74
N ILE A 77 -2.29 11.05 -1.52
CA ILE A 77 -2.63 11.98 -0.40
C ILE A 77 -1.50 12.34 0.56
N ALA A 78 -0.43 11.59 0.49
CA ALA A 78 0.80 12.04 1.09
C ALA A 78 1.50 13.02 0.11
N GLN A 79 1.58 12.61 -1.16
CA GLN A 79 2.20 13.38 -2.24
C GLN A 79 1.70 14.79 -2.27
N LEU A 80 0.43 14.95 -1.86
CA LEU A 80 -0.23 16.24 -1.74
C LEU A 80 -0.34 16.67 -0.31
N TYR A 81 0.27 15.90 0.59
CA TYR A 81 0.39 16.38 1.94
C TYR A 81 1.70 17.14 2.03
N GLY A 82 2.50 17.04 0.99
CA GLY A 82 3.53 18.03 0.76
C GLY A 82 2.91 19.13 -0.07
N ALA A 83 1.86 19.72 0.48
CA ALA A 83 1.07 20.75 -0.20
C ALA A 83 0.34 21.59 0.87
N GLY A 84 -0.94 21.89 0.66
CA GLY A 84 -1.75 22.63 1.65
C GLY A 84 -3.25 22.43 1.53
N LYS A 85 -3.70 22.31 0.28
CA LYS A 85 -5.07 22.00 -0.08
C LYS A 85 -5.37 20.57 0.31
N THR A 86 -5.57 20.37 1.62
CA THR A 86 -5.99 19.09 2.18
C THR A 86 -7.39 18.80 1.62
N GLY A 87 -8.00 19.84 1.06
CA GLY A 87 -9.28 19.77 0.36
C GLY A 87 -9.13 19.59 -1.15
N GLU A 88 -7.92 19.85 -1.66
CA GLU A 88 -7.60 19.52 -3.06
C GLU A 88 -6.87 18.17 -3.08
N ALA A 89 -6.46 17.75 -1.90
CA ALA A 89 -6.28 16.33 -1.59
C ALA A 89 -7.67 15.79 -1.23
N GLY A 90 -8.45 16.62 -0.57
CA GLY A 90 -9.81 16.32 -0.17
C GLY A 90 -10.69 16.03 -1.35
N GLU A 91 -10.69 16.93 -2.34
CA GLU A 91 -11.51 16.76 -3.55
C GLU A 91 -11.18 15.41 -4.19
N THR A 92 -10.01 14.92 -3.87
CA THR A 92 -9.55 13.62 -4.30
C THR A 92 -10.08 12.59 -3.31
N GLY A 93 -9.83 12.85 -2.02
CA GLY A 93 -10.30 12.00 -0.92
C GLY A 93 -11.75 11.67 -1.13
N ARG A 94 -12.58 12.71 -1.13
CA ARG A 94 -13.94 12.60 -1.65
C ARG A 94 -13.97 11.76 -2.96
N GLN A 95 -13.22 12.18 -3.99
CA GLN A 95 -13.26 11.48 -5.28
C GLN A 95 -12.98 9.95 -5.18
N GLY A 96 -12.02 9.57 -4.36
CA GLY A 96 -11.79 8.16 -4.07
C GLY A 96 -12.91 7.55 -3.25
N ILE A 97 -13.54 8.35 -2.36
CA ILE A 97 -14.45 7.74 -1.38
C ILE A 97 -15.66 7.39 -2.18
N TRP A 98 -15.78 8.18 -3.25
CA TRP A 98 -16.75 7.98 -4.24
C TRP A 98 -16.37 6.71 -4.98
N PHE A 99 -15.15 6.70 -5.50
CA PHE A 99 -14.57 5.50 -6.05
C PHE A 99 -14.83 4.36 -5.09
N GLY A 100 -14.41 4.56 -3.83
CA GLY A 100 -14.65 3.67 -2.65
C GLY A 100 -16.00 2.96 -2.60
N LEU A 101 -17.00 3.63 -3.17
CA LEU A 101 -18.32 3.07 -3.44
C LEU A 101 -18.28 2.27 -4.71
N ILE A 102 -18.79 2.87 -5.78
CA ILE A 102 -18.42 2.45 -7.13
C ILE A 102 -17.80 1.04 -7.28
N LEU A 103 -16.56 0.87 -6.83
CA LEU A 103 -15.86 -0.39 -6.98
C LEU A 103 -16.43 -1.33 -6.00
N GLY A 104 -16.40 -0.94 -4.72
CA GLY A 104 -16.99 -1.74 -3.63
C GLY A 104 -18.34 -2.33 -3.99
N ILE A 105 -19.13 -1.50 -4.65
CA ILE A 105 -20.37 -1.91 -5.27
C ILE A 105 -20.17 -2.91 -6.40
N PHE A 106 -19.43 -2.50 -7.44
CA PHE A 106 -19.22 -3.36 -8.58
C PHE A 106 -18.47 -4.64 -8.24
N GLY A 107 -17.71 -4.61 -7.15
CA GLY A 107 -16.99 -5.78 -6.64
C GLY A 107 -17.96 -6.67 -5.89
N MET A 108 -18.33 -6.24 -4.70
CA MET A 108 -19.41 -6.92 -3.97
C MET A 108 -20.58 -7.34 -4.89
N ILE A 109 -20.66 -6.76 -6.09
CA ILE A 109 -21.65 -7.15 -7.11
C ILE A 109 -21.26 -8.41 -7.85
N LEU A 110 -19.97 -8.56 -8.05
CA LEU A 110 -19.45 -9.75 -8.69
C LEU A 110 -19.77 -10.89 -7.73
N MET A 111 -19.28 -10.74 -6.51
CA MET A 111 -19.77 -11.52 -5.41
C MET A 111 -21.27 -11.57 -5.51
N TRP A 112 -21.93 -10.48 -5.10
CA TRP A 112 -23.39 -10.33 -5.16
C TRP A 112 -24.01 -11.26 -6.19
N ALA A 113 -23.43 -11.27 -7.39
CA ALA A 113 -23.87 -12.17 -8.45
C ALA A 113 -23.04 -13.46 -8.50
N ALA A 114 -22.05 -13.48 -9.40
CA ALA A 114 -21.27 -14.67 -9.75
C ALA A 114 -21.27 -15.81 -8.75
N ILE A 115 -20.90 -15.52 -7.49
CA ILE A 115 -20.94 -16.50 -6.38
C ILE A 115 -21.48 -17.87 -6.77
N THR A 116 -22.79 -17.87 -7.06
CA THR A 116 -23.65 -19.05 -7.24
C THR A 116 -22.91 -20.26 -7.81
N PRO A 117 -22.43 -20.15 -9.07
CA PRO A 117 -21.45 -21.06 -9.62
C PRO A 117 -20.31 -21.36 -8.64
N PHE A 118 -20.68 -21.80 -7.45
CA PHE A 118 -19.76 -22.45 -6.54
C PHE A 118 -19.89 -23.94 -6.87
N ARG A 119 -20.28 -24.19 -8.13
CA ARG A 119 -20.46 -25.51 -8.75
C ARG A 119 -20.54 -25.40 -10.31
N ASN A 120 -19.48 -25.83 -11.04
CA ASN A 120 -19.40 -25.75 -12.55
C ASN A 120 -19.05 -27.03 -13.41
N TRP A 121 -17.77 -27.31 -13.70
CA TRP A 121 -17.38 -28.55 -14.47
C TRP A 121 -16.41 -29.59 -13.80
N LEU A 122 -15.14 -29.23 -13.51
CA LEU A 122 -14.29 -30.04 -12.59
C LEU A 122 -14.31 -29.30 -11.24
N THR A 123 -15.35 -29.57 -10.45
CA THR A 123 -16.01 -28.47 -9.71
C THR A 123 -16.64 -28.54 -8.28
N LEU A 124 -17.63 -29.42 -8.09
CA LEU A 124 -18.75 -29.15 -7.16
C LEU A 124 -18.72 -29.82 -5.77
N SER A 125 -19.46 -29.24 -4.80
CA SER A 125 -19.59 -29.86 -3.45
C SER A 125 -20.93 -29.60 -2.75
N ASP A 126 -21.22 -30.34 -1.67
CA ASP A 126 -22.62 -30.55 -1.23
C ASP A 126 -22.99 -30.84 0.23
N TYR A 127 -22.27 -30.29 1.22
CA TYR A 127 -22.85 -30.30 2.57
C TYR A 127 -23.72 -29.07 2.69
N VAL A 128 -25.01 -29.28 2.40
CA VAL A 128 -25.97 -28.20 2.09
C VAL A 128 -26.36 -27.33 3.29
N GLU A 129 -26.73 -27.95 4.43
CA GLU A 129 -26.90 -27.24 5.72
C GLU A 129 -25.61 -26.52 6.12
N GLY A 130 -24.50 -26.95 5.51
CA GLY A 130 -23.22 -26.23 5.47
C GLY A 130 -23.32 -25.07 4.50
N THR A 131 -22.17 -24.54 4.05
CA THR A 131 -22.12 -23.19 3.41
C THR A 131 -23.05 -22.97 2.16
N MET A 132 -23.99 -23.87 1.91
CA MET A 132 -25.08 -23.62 0.97
C MET A 132 -26.10 -22.75 1.69
N ALA A 133 -26.33 -23.11 2.94
CA ALA A 133 -27.10 -22.27 3.83
C ALA A 133 -26.32 -20.98 4.01
N GLN A 134 -25.01 -21.05 3.76
CA GLN A 134 -24.13 -19.90 3.95
C GLN A 134 -23.65 -19.26 2.66
N TYR A 135 -23.95 -19.88 1.52
CA TYR A 135 -23.78 -19.18 0.26
C TYR A 135 -24.85 -18.10 0.18
N MET A 136 -25.86 -18.26 1.04
CA MET A 136 -26.86 -17.22 1.32
C MET A 136 -26.37 -16.38 2.53
N LEU A 137 -25.15 -16.65 2.98
CA LEU A 137 -24.47 -15.80 3.93
C LEU A 137 -23.08 -15.70 3.36
N PHE A 138 -23.04 -15.76 2.04
CA PHE A 138 -21.92 -15.26 1.27
C PHE A 138 -22.42 -13.89 1.07
N THR A 139 -23.64 -13.84 0.59
CA THR A 139 -24.27 -12.59 0.29
C THR A 139 -24.13 -11.63 1.48
N SER A 140 -24.80 -11.88 2.59
CA SER A 140 -24.73 -10.92 3.70
C SER A 140 -23.24 -10.61 3.97
N LEU A 141 -22.49 -11.69 4.23
CA LEU A 141 -20.98 -11.79 4.24
C LEU A 141 -20.29 -11.08 3.01
N ALA A 142 -21.08 -10.39 2.17
CA ALA A 142 -20.60 -9.80 0.90
C ALA A 142 -21.08 -8.37 0.74
N MET A 143 -22.20 -8.09 1.40
CA MET A 143 -22.97 -6.92 1.07
C MET A 143 -22.44 -5.64 1.68
N PRO A 144 -21.41 -5.78 2.53
CA PRO A 144 -20.60 -4.62 2.87
C PRO A 144 -19.69 -4.16 1.73
N ALA A 145 -19.09 -5.07 0.93
CA ALA A 145 -17.93 -4.72 0.05
C ALA A 145 -18.10 -3.34 -0.63
N ALA A 146 -19.35 -2.94 -0.87
CA ALA A 146 -19.64 -1.55 -1.21
C ALA A 146 -19.06 -0.59 -0.15
N MET A 147 -19.36 -0.86 1.13
CA MET A 147 -19.07 0.05 2.26
C MET A 147 -17.69 -0.12 2.90
N VAL A 148 -16.93 -1.05 2.38
CA VAL A 148 -15.70 -1.38 3.06
C VAL A 148 -14.61 -0.60 2.40
N HIS A 149 -14.76 -0.45 1.09
CA HIS A 149 -13.88 0.31 0.28
C HIS A 149 -13.90 1.74 0.77
N ARG A 150 -15.10 2.31 0.80
CA ARG A 150 -15.33 3.59 1.39
C ARG A 150 -14.72 3.68 2.82
N ALA A 151 -14.63 2.53 3.51
CA ALA A 151 -14.09 2.51 4.88
C ALA A 151 -12.67 1.93 5.01
N LEU A 152 -12.04 1.71 3.84
CA LEU A 152 -10.58 1.50 3.66
C LEU A 152 -10.00 2.74 2.96
N HIS A 153 -10.82 3.32 2.11
CA HIS A 153 -10.61 4.69 1.74
C HIS A 153 -10.36 5.49 3.01
N ALA A 154 -10.98 5.06 4.10
CA ALA A 154 -10.58 5.44 5.44
C ALA A 154 -9.09 5.74 5.68
N TYR A 155 -8.25 4.71 5.55
CA TYR A 155 -6.84 4.81 5.96
C TYR A 155 -5.95 5.50 4.94
N ALA A 156 -6.48 5.53 3.72
CA ALA A 156 -5.93 6.34 2.66
C ALA A 156 -6.12 7.83 2.98
N SER A 157 -7.05 8.17 3.88
CA SER A 157 -7.07 9.53 4.42
C SER A 157 -6.62 9.58 5.87
N SER A 158 -6.13 8.47 6.36
CA SER A 158 -5.24 8.54 7.49
C SER A 158 -3.86 8.97 7.03
N LEU A 159 -3.44 8.47 5.85
CA LEU A 159 -2.19 8.91 5.21
C LEU A 159 -1.62 10.13 5.91
N ASN A 160 -1.99 11.33 5.43
CA ASN A 160 -1.76 12.58 6.14
C ASN A 160 -0.77 12.44 7.26
N ARG A 161 -1.30 12.36 8.47
CA ARG A 161 -0.54 11.92 9.62
C ARG A 161 -1.39 11.13 10.60
N PRO A 162 -2.36 11.78 11.27
CA PRO A 162 -2.99 11.17 12.46
C PRO A 162 -3.59 9.74 12.27
N ARG A 163 -2.77 8.71 12.49
CA ARG A 163 -3.19 7.31 12.39
C ARG A 163 -3.91 6.81 13.68
N LEU A 164 -4.16 7.71 14.62
CA LEU A 164 -4.73 7.39 15.95
C LEU A 164 -6.13 6.78 15.89
N ILE A 165 -7.00 7.41 15.08
CA ILE A 165 -8.36 6.96 14.92
C ILE A 165 -8.44 5.53 14.40
N MET A 166 -7.63 5.20 13.40
CA MET A 166 -7.65 3.85 12.86
C MET A 166 -7.46 2.80 13.95
N LEU A 167 -6.53 3.09 14.85
CA LEU A 167 -6.32 2.27 16.03
C LEU A 167 -7.58 2.20 16.91
N VAL A 168 -8.25 3.34 17.08
CA VAL A 168 -9.45 3.41 17.91
C VAL A 168 -10.57 2.57 17.33
N SER A 169 -11.06 2.93 16.14
CA SER A 169 -12.23 2.28 15.58
C SER A 169 -11.91 0.89 15.02
N PHE A 170 -10.89 0.27 15.57
CA PHE A 170 -10.62 -1.13 15.34
C PHE A 170 -10.40 -1.82 16.67
N ALA A 171 -10.10 -1.00 17.68
CA ALA A 171 -10.18 -1.40 19.08
C ALA A 171 -11.60 -1.19 19.61
N ALA A 172 -12.38 -0.47 18.81
CA ALA A 172 -13.80 -0.32 19.06
C ALA A 172 -14.54 -1.07 17.97
N PHE A 173 -13.92 -2.16 17.52
CA PHE A 173 -14.44 -2.93 16.40
C PHE A 173 -14.74 -4.35 16.84
N VAL A 174 -13.72 -4.99 17.41
CA VAL A 174 -13.85 -6.26 18.08
C VAL A 174 -14.36 -5.93 19.48
N LEU A 175 -14.56 -4.64 19.73
CA LEU A 175 -15.54 -4.26 20.71
C LEU A 175 -16.78 -5.02 20.28
N ASN A 176 -17.18 -4.88 19.01
CA ASN A 176 -18.52 -5.30 18.60
C ASN A 176 -18.73 -6.71 18.13
N VAL A 177 -17.90 -7.15 17.18
CA VAL A 177 -18.13 -8.44 16.50
C VAL A 177 -18.37 -9.65 17.40
N PRO A 178 -17.71 -9.71 18.58
CA PRO A 178 -18.23 -10.66 19.57
C PRO A 178 -19.72 -10.41 19.71
N LEU A 179 -20.02 -9.34 20.43
CA LEU A 179 -21.38 -8.91 20.73
C LEU A 179 -22.29 -9.23 19.56
N ASN A 180 -22.18 -8.46 18.49
CA ASN A 180 -23.09 -8.64 17.38
C ASN A 180 -23.05 -10.03 16.75
N TYR A 181 -21.92 -10.73 16.76
CA TYR A 181 -21.90 -11.98 16.03
C TYR A 181 -22.64 -13.07 16.79
N ILE A 182 -22.63 -13.01 18.12
CA ILE A 182 -23.46 -13.93 18.89
C ILE A 182 -24.91 -13.65 18.62
N PHE A 183 -25.34 -12.45 19.00
CA PHE A 183 -26.72 -12.03 18.85
C PHE A 183 -27.27 -12.38 17.48
N VAL A 184 -26.50 -12.15 16.42
CA VAL A 184 -26.96 -12.42 15.04
C VAL A 184 -26.61 -13.81 14.48
N TYR A 185 -25.87 -14.63 15.21
CA TYR A 185 -25.68 -16.00 14.76
C TYR A 185 -26.61 -16.88 15.58
N GLY A 186 -27.10 -16.33 16.70
CA GLY A 186 -27.85 -17.10 17.71
C GLY A 186 -28.69 -16.30 18.69
N LYS A 187 -28.11 -16.01 19.86
CA LYS A 187 -28.85 -15.49 21.04
C LYS A 187 -29.78 -14.32 20.74
N PHE A 188 -31.01 -14.64 20.38
CA PHE A 188 -31.89 -13.61 19.87
C PHE A 188 -32.54 -12.67 20.88
N GLY A 189 -33.87 -12.57 20.82
CA GLY A 189 -34.58 -11.42 21.32
C GLY A 189 -34.00 -10.22 20.60
N MET A 190 -34.14 -10.12 19.27
CA MET A 190 -34.90 -11.07 18.39
C MET A 190 -34.16 -11.73 17.17
N PRO A 191 -32.99 -11.20 16.73
CA PRO A 191 -32.49 -11.81 15.50
C PRO A 191 -31.79 -13.12 15.82
N ALA A 192 -32.49 -14.23 15.63
CA ALA A 192 -32.01 -15.52 16.14
C ALA A 192 -30.80 -16.07 15.40
N LEU A 193 -31.05 -16.90 14.40
CA LEU A 193 -29.98 -17.71 13.85
C LEU A 193 -29.93 -17.66 12.34
N GLY A 194 -29.31 -16.60 11.80
CA GLY A 194 -28.67 -16.70 10.51
C GLY A 194 -27.34 -17.22 10.97
N GLY A 195 -27.32 -18.49 11.40
CA GLY A 195 -26.27 -19.07 12.27
C GLY A 195 -24.86 -18.60 12.02
N ALA A 196 -24.54 -18.49 10.72
CA ALA A 196 -23.28 -17.90 10.21
C ALA A 196 -23.36 -16.39 10.20
N GLY A 197 -24.26 -15.85 11.03
CA GLY A 197 -24.24 -14.46 11.45
C GLY A 197 -22.90 -14.11 12.04
N CYS A 198 -21.86 -14.54 11.35
CA CYS A 198 -20.61 -13.84 11.29
C CYS A 198 -20.73 -12.99 10.03
N GLY A 199 -20.80 -13.63 8.86
CA GLY A 199 -20.94 -12.90 7.59
C GLY A 199 -22.04 -11.84 7.53
N VAL A 200 -23.17 -12.19 8.11
CA VAL A 200 -24.19 -11.23 8.43
C VAL A 200 -23.69 -10.22 9.47
N ALA A 201 -22.88 -10.71 10.41
CA ALA A 201 -22.52 -9.93 11.57
C ALA A 201 -21.32 -9.06 11.27
N THR A 202 -20.30 -9.66 10.69
CA THR A 202 -19.09 -8.93 10.31
C THR A 202 -19.50 -7.76 9.44
N MET A 203 -20.23 -8.09 8.38
CA MET A 203 -20.60 -7.14 7.35
C MET A 203 -21.27 -5.89 7.97
N ALA A 204 -22.07 -6.15 9.00
CA ALA A 204 -22.61 -5.09 9.85
C ALA A 204 -21.57 -4.00 10.17
N VAL A 205 -20.45 -4.46 10.72
CA VAL A 205 -19.52 -3.62 11.40
C VAL A 205 -18.54 -2.95 10.43
N PHE A 206 -18.64 -3.32 9.16
CA PHE A 206 -17.94 -2.50 8.21
C PHE A 206 -18.59 -1.11 8.17
N TRP A 207 -19.88 -1.12 7.87
CA TRP A 207 -20.73 0.05 7.96
C TRP A 207 -20.51 0.79 9.25
N PHE A 208 -20.16 0.07 10.31
CA PHE A 208 -19.80 0.76 11.52
C PHE A 208 -18.40 1.39 11.50
N SER A 209 -17.44 0.73 10.86
CA SER A 209 -16.13 1.38 10.73
C SER A 209 -16.23 2.48 9.70
N ALA A 210 -17.02 2.23 8.67
CA ALA A 210 -17.34 3.21 7.65
C ALA A 210 -17.75 4.58 8.19
N LEU A 211 -18.55 4.59 9.25
CA LEU A 211 -19.00 5.84 9.78
C LEU A 211 -18.35 5.87 11.11
N ALA A 212 -17.20 5.24 11.17
CA ALA A 212 -16.20 5.54 12.14
C ALA A 212 -15.17 6.37 11.38
N LEU A 213 -15.26 6.33 10.04
CA LEU A 213 -14.66 7.38 9.24
C LEU A 213 -15.45 8.59 9.57
N TRP A 214 -16.59 8.74 8.89
CA TRP A 214 -17.37 9.95 9.00
C TRP A 214 -17.17 10.69 10.28
N ILE A 215 -17.34 9.95 11.37
CA ILE A 215 -17.24 10.47 12.73
C ILE A 215 -15.86 10.97 13.12
N TYR A 216 -14.93 10.92 12.17
CA TYR A 216 -13.65 11.53 12.36
C TYR A 216 -13.26 12.44 11.22
N ILE A 217 -14.14 13.40 10.96
CA ILE A 217 -13.77 14.72 10.44
C ILE A 217 -13.66 15.53 11.71
N ALA A 218 -14.46 15.11 12.69
CA ALA A 218 -14.53 15.67 14.04
C ALA A 218 -13.23 16.26 14.55
N LYS A 219 -12.12 15.55 14.34
CA LYS A 219 -10.88 15.83 15.07
C LYS A 219 -10.20 17.18 14.85
N GLU A 220 -9.78 17.48 13.63
CA GLU A 220 -8.98 18.67 13.43
C GLU A 220 -9.51 19.60 12.34
N LYS A 221 -8.92 19.59 11.16
CA LYS A 221 -9.41 20.42 10.08
C LYS A 221 -9.96 19.48 9.05
N PHE A 222 -10.87 20.00 8.23
CA PHE A 222 -11.66 19.21 7.31
C PHE A 222 -10.85 18.37 6.33
N PHE A 223 -11.46 17.25 5.94
CA PHE A 223 -11.17 16.57 4.69
C PHE A 223 -12.55 16.23 4.11
N ARG A 224 -13.50 17.15 4.30
CA ARG A 224 -14.88 16.91 3.93
C ARG A 224 -15.27 17.75 2.71
N PRO A 225 -15.29 17.13 1.51
CA PRO A 225 -16.04 17.78 0.44
C PRO A 225 -17.04 16.86 -0.31
N PHE A 226 -17.56 15.83 0.36
CA PHE A 226 -18.56 14.89 -0.23
C PHE A 226 -19.92 15.54 -0.51
N GLY A 227 -19.89 16.71 -1.12
CA GLY A 227 -21.04 17.26 -1.79
C GLY A 227 -20.92 16.65 -3.17
N LEU A 228 -22.03 16.15 -3.72
CA LEU A 228 -22.02 15.28 -4.92
C LEU A 228 -20.64 15.30 -5.63
N THR A 229 -19.69 14.60 -5.01
CA THR A 229 -18.43 14.21 -5.62
C THR A 229 -18.75 13.76 -7.02
N ALA A 230 -18.23 14.41 -8.04
CA ALA A 230 -18.67 14.07 -9.38
C ALA A 230 -17.55 13.49 -10.23
N LYS A 231 -17.91 12.98 -11.41
CA LYS A 231 -16.92 12.57 -12.40
C LYS A 231 -17.26 13.00 -13.84
N PHE A 232 -16.43 13.90 -14.40
CA PHE A 232 -16.36 14.21 -15.85
C PHE A 232 -15.60 15.49 -16.20
N GLY A 233 -15.05 15.50 -17.41
CA GLY A 233 -14.29 16.63 -17.95
C GLY A 233 -13.99 16.42 -19.43
N LYS A 234 -13.42 15.26 -19.76
CA LYS A 234 -13.03 14.90 -21.14
C LYS A 234 -13.70 13.56 -21.55
N PRO A 235 -12.92 12.52 -21.93
CA PRO A 235 -13.50 11.18 -21.91
C PRO A 235 -14.05 10.71 -20.54
N ASP A 236 -13.24 10.77 -19.47
CA ASP A 236 -13.71 10.49 -18.09
C ASP A 236 -12.88 11.19 -17.01
N TRP A 237 -13.49 11.38 -15.83
CA TRP A 237 -12.90 12.15 -14.74
C TRP A 237 -11.61 11.56 -14.21
N ALA A 238 -10.56 12.37 -14.26
CA ALA A 238 -9.31 12.08 -13.56
C ALA A 238 -9.54 12.30 -12.07
N VAL A 239 -8.46 12.44 -11.30
CA VAL A 239 -8.53 12.29 -9.82
C VAL A 239 -9.51 11.16 -9.52
N PHE A 240 -9.41 10.14 -10.38
CA PHE A 240 -10.35 9.05 -10.49
C PHE A 240 -9.76 8.18 -11.61
N LYS A 241 -9.57 8.77 -12.78
CA LYS A 241 -8.80 8.15 -13.84
C LYS A 241 -7.36 8.09 -13.38
N GLN A 242 -6.98 9.08 -12.57
CA GLN A 242 -5.66 9.11 -11.94
C GLN A 242 -5.46 7.86 -11.08
N ILE A 243 -6.32 7.75 -10.07
CA ILE A 243 -6.44 6.56 -9.22
C ILE A 243 -6.45 5.21 -9.95
N TRP A 244 -6.40 5.22 -11.27
CA TRP A 244 -6.45 3.97 -12.04
C TRP A 244 -5.09 3.29 -12.11
N LYS A 245 -4.09 3.98 -12.67
CA LYS A 245 -2.79 3.35 -12.88
C LYS A 245 -2.01 3.11 -11.59
N ILE A 246 -2.45 3.76 -10.51
CA ILE A 246 -1.96 3.39 -9.20
C ILE A 246 -2.75 2.18 -8.71
N GLY A 247 -4.08 2.27 -8.74
CA GLY A 247 -4.92 1.21 -8.18
C GLY A 247 -4.67 -0.13 -8.82
N ALA A 248 -5.12 -0.24 -10.07
CA ALA A 248 -5.01 -1.47 -10.89
C ALA A 248 -3.85 -2.36 -10.47
N PRO A 249 -2.64 -1.88 -10.69
CA PRO A 249 -1.58 -2.85 -10.74
C PRO A 249 -1.09 -3.23 -9.35
N ILE A 250 -1.78 -2.75 -8.32
CA ILE A 250 -1.51 -3.22 -6.98
C ILE A 250 -2.48 -4.33 -6.58
N GLY A 251 -3.70 -4.25 -7.09
CA GLY A 251 -4.61 -5.37 -7.03
C GLY A 251 -4.15 -6.53 -7.90
N LEU A 252 -3.65 -6.21 -9.10
CA LEU A 252 -3.27 -7.23 -10.10
C LEU A 252 -1.92 -7.75 -9.71
N SER A 253 -1.25 -6.97 -8.87
CA SER A 253 -0.08 -7.42 -8.13
C SER A 253 -0.47 -8.07 -6.81
N TYR A 254 -1.62 -7.74 -6.24
CA TYR A 254 -2.14 -8.54 -5.13
C TYR A 254 -2.68 -9.87 -5.69
N PHE A 255 -2.75 -9.97 -7.03
CA PHE A 255 -3.00 -11.23 -7.71
C PHE A 255 -1.75 -12.13 -7.70
N LEU A 256 -0.72 -11.66 -7.01
CA LEU A 256 0.43 -12.49 -6.69
C LEU A 256 -0.08 -13.55 -5.74
N GLU A 257 -0.22 -13.19 -4.46
CA GLU A 257 -0.78 -14.07 -3.43
C GLU A 257 -2.16 -14.60 -3.85
N ALA A 258 -2.73 -13.97 -4.87
CA ALA A 258 -3.93 -14.45 -5.54
C ALA A 258 -3.57 -15.42 -6.68
N SER A 259 -2.67 -16.33 -6.33
CA SER A 259 -2.17 -17.41 -7.16
C SER A 259 -1.04 -18.09 -6.37
N ALA A 260 -0.56 -17.40 -5.33
CA ALA A 260 -0.05 -18.06 -4.13
C ALA A 260 -1.36 -18.45 -3.44
N PHE A 261 -2.17 -19.16 -4.21
CA PHE A 261 -3.53 -19.53 -3.92
C PHE A 261 -3.60 -20.87 -4.59
N SER A 262 -3.57 -20.86 -5.93
CA SER A 262 -3.50 -22.09 -6.75
C SER A 262 -2.23 -22.92 -6.49
N PHE A 263 -1.28 -22.33 -5.78
CA PHE A 263 -0.05 -23.03 -5.41
C PHE A 263 -0.06 -23.38 -3.92
N ILE A 264 0.00 -22.35 -3.06
CA ILE A 264 0.04 -22.54 -1.59
C ILE A 264 -1.00 -23.58 -1.15
N VAL A 265 -2.02 -23.74 -1.99
CA VAL A 265 -3.01 -24.80 -1.86
C VAL A 265 -3.23 -25.38 -3.27
N PHE A 266 -2.54 -26.47 -3.58
CA PHE A 266 -2.87 -27.30 -4.74
C PHE A 266 -2.07 -28.58 -4.75
N LEU A 267 -0.81 -28.47 -4.36
CA LEU A 267 -0.07 -29.66 -3.97
C LEU A 267 0.07 -29.67 -2.45
N ILE A 268 -1.06 -29.44 -1.79
CA ILE A 268 -1.24 -29.83 -0.40
C ILE A 268 -1.94 -31.20 -0.38
N ALA A 269 -2.23 -31.72 -1.58
CA ALA A 269 -2.86 -33.03 -1.75
C ALA A 269 -2.45 -33.81 -3.01
N PRO A 270 -1.32 -34.54 -2.95
CA PRO A 270 -1.09 -35.67 -3.84
C PRO A 270 -1.63 -36.96 -3.21
N PHE A 271 -0.83 -38.03 -3.18
CA PHE A 271 -1.15 -39.23 -2.37
C PHE A 271 -0.79 -38.99 -0.90
N GLY A 272 -0.02 -37.92 -0.66
CA GLY A 272 0.40 -37.49 0.67
C GLY A 272 -0.18 -36.13 1.03
N GLU A 273 -1.25 -36.15 1.82
CA GLU A 273 -2.05 -34.96 2.11
C GLU A 273 -2.07 -34.63 3.61
N ASP A 274 -1.20 -35.29 4.38
CA ASP A 274 -1.22 -35.23 5.85
C ASP A 274 -0.83 -33.84 6.38
N TYR A 275 0.39 -33.70 6.89
CA TYR A 275 0.88 -32.38 7.31
C TYR A 275 1.29 -31.50 6.12
N VAL A 276 1.07 -32.03 4.92
CA VAL A 276 1.26 -31.31 3.67
C VAL A 276 0.13 -30.29 3.51
N ALA A 277 -1.08 -30.72 3.88
CA ALA A 277 -2.23 -29.83 3.94
C ALA A 277 -2.16 -28.91 5.15
N ALA A 278 -1.41 -29.34 6.18
CA ALA A 278 -1.28 -28.59 7.43
C ALA A 278 -0.22 -27.49 7.41
N GLN A 279 0.33 -27.22 6.23
CA GLN A 279 1.13 -26.03 6.02
C GLN A 279 0.16 -24.83 5.91
N GLN A 280 -0.70 -24.73 6.93
CA GLN A 280 -1.70 -23.64 7.08
C GLN A 280 -1.57 -23.09 8.48
N VAL A 281 -1.27 -23.96 9.44
CA VAL A 281 -0.69 -23.46 10.67
C VAL A 281 0.71 -23.07 10.23
N GLY A 282 1.14 -23.68 9.12
CA GLY A 282 2.28 -23.19 8.36
C GLY A 282 2.01 -21.81 7.80
N ILE A 283 1.33 -21.77 6.66
CA ILE A 283 1.15 -20.52 5.91
C ILE A 283 -0.06 -19.64 6.29
N SER A 284 -0.75 -20.00 7.38
CA SER A 284 -1.68 -19.07 8.03
C SER A 284 -0.90 -18.31 9.10
N LEU A 285 -0.07 -19.03 9.85
CA LEU A 285 0.79 -18.38 10.83
C LEU A 285 2.00 -17.77 10.15
N SER A 286 2.19 -18.09 8.87
CA SER A 286 3.08 -17.32 8.01
C SER A 286 2.49 -15.92 7.84
N GLY A 287 1.25 -15.87 7.35
CA GLY A 287 0.52 -14.63 7.17
C GLY A 287 0.37 -13.76 8.41
N ILE A 288 0.16 -14.38 9.58
CA ILE A 288 -0.11 -13.62 10.82
C ILE A 288 0.99 -12.61 11.13
N LEU A 289 2.16 -13.10 11.52
CA LEU A 289 3.31 -12.23 11.65
C LEU A 289 4.00 -12.17 10.28
N TYR A 290 3.31 -11.48 9.39
CA TYR A 290 3.79 -11.08 8.10
C TYR A 290 3.27 -9.66 7.93
N MET A 291 2.10 -9.42 8.50
CA MET A 291 1.43 -8.11 8.49
C MET A 291 2.18 -7.07 9.31
N ILE A 292 2.23 -7.26 10.64
CA ILE A 292 2.99 -6.37 11.53
C ILE A 292 4.32 -6.04 10.84
N PRO A 293 4.99 -7.06 10.27
CA PRO A 293 6.08 -6.82 9.33
C PRO A 293 5.68 -5.95 8.14
N GLN A 294 5.57 -6.61 6.98
CA GLN A 294 5.35 -5.97 5.69
C GLN A 294 4.43 -4.72 5.70
N SER A 295 3.34 -4.79 6.48
CA SER A 295 2.36 -3.70 6.54
C SER A 295 2.94 -2.31 6.87
N VAL A 296 4.19 -2.30 7.30
CA VAL A 296 4.86 -1.05 7.63
C VAL A 296 5.38 -0.31 6.39
N GLY A 297 5.64 -1.03 5.31
CA GLY A 297 6.01 -0.42 4.03
C GLY A 297 4.75 0.12 3.40
N SER A 298 3.67 -0.65 3.52
CA SER A 298 2.32 -0.17 3.21
C SER A 298 1.99 0.95 4.21
N ALA A 299 2.97 1.29 5.05
CA ALA A 299 2.88 2.43 5.95
C ALA A 299 4.11 3.33 5.74
N GLY A 300 5.24 2.71 5.41
CA GLY A 300 6.43 3.46 5.00
C GLY A 300 6.00 4.34 3.87
N THR A 301 5.58 3.69 2.79
CA THR A 301 4.77 4.28 1.70
C THR A 301 4.29 5.75 1.85
N VAL A 302 3.74 6.11 3.00
CA VAL A 302 3.39 7.51 3.27
C VAL A 302 4.67 8.29 3.40
N ARG A 303 5.37 7.95 4.49
CA ARG A 303 6.55 8.65 4.94
C ARG A 303 7.40 9.07 3.76
N ILE A 304 7.15 8.45 2.61
CA ILE A 304 7.94 8.73 1.43
C ILE A 304 7.22 9.63 0.43
N GLY A 305 6.28 9.09 -0.34
CA GLY A 305 5.48 9.89 -1.30
C GLY A 305 5.00 11.26 -0.79
N PHE A 306 4.86 11.37 0.53
CA PHE A 306 4.56 12.64 1.16
C PHE A 306 5.82 13.46 1.29
N SER A 307 6.84 12.82 1.85
CA SER A 307 8.12 13.45 2.03
C SER A 307 8.79 13.65 0.67
N LEU A 308 8.01 13.42 -0.38
CA LEU A 308 8.34 13.84 -1.74
C LEU A 308 7.62 15.15 -2.05
N GLY A 309 6.33 15.21 -1.73
CA GLY A 309 5.53 16.41 -1.91
C GLY A 309 6.08 17.57 -1.11
N ARG A 310 6.48 17.30 0.14
CA ARG A 310 7.11 18.30 1.01
C ARG A 310 8.51 18.65 0.48
N ARG A 311 8.74 18.21 -0.77
CA ARG A 311 9.94 18.47 -1.59
C ARG A 311 11.30 18.10 -0.94
N GLU A 312 11.24 17.20 0.05
CA GLU A 312 12.41 16.65 0.77
C GLU A 312 13.07 15.51 -0.01
N PHE A 313 13.41 15.75 -1.27
CA PHE A 313 13.87 14.70 -2.19
C PHE A 313 14.99 13.83 -1.66
N SER A 314 14.72 12.53 -1.62
CA SER A 314 15.68 11.53 -1.12
C SER A 314 16.19 11.81 0.29
N ARG A 315 15.97 13.03 0.81
CA ARG A 315 16.01 13.25 2.26
C ARG A 315 14.90 12.32 2.81
N ALA A 316 14.42 11.42 1.92
CA ALA A 316 13.36 10.44 2.15
C ALA A 316 13.46 9.12 1.34
N ARG A 317 13.99 9.16 0.12
CA ARG A 317 14.27 7.90 -0.60
C ARG A 317 15.48 7.23 0.01
N TYR A 318 16.24 8.01 0.74
CA TYR A 318 17.26 7.47 1.61
C TYR A 318 16.78 7.57 3.06
N ILE A 319 15.47 7.33 3.22
CA ILE A 319 14.89 6.63 4.41
C ILE A 319 14.21 5.34 3.93
N SER A 320 13.76 5.33 2.67
CA SER A 320 13.22 4.12 2.08
C SER A 320 14.28 2.99 2.03
N GLY A 321 15.33 3.17 2.83
CA GLY A 321 16.25 2.10 3.18
C GLY A 321 16.26 1.94 4.68
N VAL A 322 16.36 3.07 5.38
CA VAL A 322 16.41 3.10 6.86
C VAL A 322 15.11 2.62 7.48
N SER A 323 14.09 2.47 6.65
CA SER A 323 12.93 1.73 7.02
C SER A 323 13.20 0.33 6.57
N LEU A 324 13.41 0.17 5.26
CA LEU A 324 13.70 -1.12 4.66
C LEU A 324 14.38 -2.06 5.67
N VAL A 325 15.45 -1.55 6.28
CA VAL A 325 16.31 -2.34 7.15
C VAL A 325 16.06 -2.21 8.66
N SER A 326 15.33 -1.18 9.08
CA SER A 326 14.90 -1.10 10.48
C SER A 326 13.86 -2.18 10.76
N GLY A 327 13.26 -2.68 9.68
CA GLY A 327 12.36 -3.83 9.72
C GLY A 327 13.09 -5.09 9.29
N TRP A 328 14.12 -4.87 8.48
CA TRP A 328 15.09 -5.89 8.15
C TRP A 328 15.77 -6.41 9.42
N VAL A 329 15.83 -5.54 10.43
CA VAL A 329 16.12 -5.92 11.81
C VAL A 329 15.20 -7.06 12.20
N LEU A 330 13.91 -6.77 12.19
CA LEU A 330 12.87 -7.71 12.59
C LEU A 330 12.69 -8.85 11.57
N ALA A 331 13.08 -8.59 10.32
CA ALA A 331 13.11 -9.59 9.24
C ALA A 331 13.78 -10.87 9.70
N VAL A 332 14.92 -10.69 10.34
CA VAL A 332 15.70 -11.78 10.88
C VAL A 332 15.22 -12.13 12.30
N ILE A 333 15.25 -11.16 13.23
CA ILE A 333 14.93 -11.41 14.66
C ILE A 333 13.67 -12.25 14.88
N THR A 334 12.74 -12.15 13.94
CA THR A 334 11.62 -13.04 13.90
C THR A 334 11.53 -13.66 12.49
N VAL A 335 12.62 -14.33 12.14
CA VAL A 335 12.64 -15.55 11.36
C VAL A 335 13.36 -16.46 12.32
N LEU A 336 14.10 -15.81 13.22
CA LEU A 336 14.81 -16.47 14.31
C LEU A 336 13.77 -17.08 15.22
N SER A 337 12.94 -16.22 15.81
CA SER A 337 11.81 -16.68 16.59
C SER A 337 10.70 -17.17 15.65
N LEU A 338 11.08 -17.85 14.56
CA LEU A 338 10.15 -18.52 13.62
C LEU A 338 10.48 -19.99 13.40
N VAL A 339 11.59 -20.24 12.71
CA VAL A 339 12.11 -21.59 12.53
C VAL A 339 12.40 -22.18 13.90
N LEU A 340 12.86 -21.30 14.81
CA LEU A 340 13.15 -21.61 16.21
C LEU A 340 12.05 -22.47 16.84
N PHE A 341 10.90 -21.84 17.06
CA PHE A 341 9.80 -22.45 17.78
C PHE A 341 8.92 -23.33 16.86
N ARG A 342 8.11 -24.18 17.48
CA ARG A 342 6.99 -24.89 16.87
C ARG A 342 6.10 -25.06 18.13
N SER A 343 4.91 -24.48 18.32
CA SER A 343 3.96 -25.06 19.33
C SER A 343 2.55 -24.63 18.93
N PRO A 344 2.25 -24.74 17.62
CA PRO A 344 1.09 -24.14 16.96
C PRO A 344 -0.20 -24.71 17.51
N LEU A 345 -0.05 -25.79 18.26
CA LEU A 345 -1.17 -26.48 18.87
C LEU A 345 -1.20 -26.11 20.35
N ALA A 346 -1.35 -24.81 20.58
CA ALA A 346 -1.40 -24.22 21.92
C ALA A 346 -2.53 -24.86 22.71
N SER A 347 -2.18 -25.45 23.84
CA SER A 347 -3.10 -26.34 24.54
C SER A 347 -3.97 -25.68 25.61
N MET A 348 -4.19 -24.36 25.55
CA MET A 348 -4.95 -23.67 26.61
C MET A 348 -6.43 -24.05 26.73
N TYR A 349 -7.34 -23.43 25.97
CA TYR A 349 -8.71 -23.95 25.95
C TYR A 349 -9.00 -24.85 24.77
N ASN A 350 -8.40 -24.50 23.63
CA ASN A 350 -8.34 -25.34 22.42
C ASN A 350 -7.84 -24.51 21.24
N ASP A 351 -7.78 -25.12 20.05
CA ASP A 351 -7.37 -24.45 18.83
C ASP A 351 -8.56 -24.23 17.88
N ASP A 352 -8.28 -23.82 16.64
CA ASP A 352 -9.37 -23.67 15.65
C ASP A 352 -9.67 -24.91 14.77
N PRO A 353 -8.71 -25.36 13.92
CA PRO A 353 -8.79 -26.71 13.38
C PRO A 353 -7.43 -27.41 13.24
N ALA A 354 -6.35 -26.71 13.60
CA ALA A 354 -4.98 -27.20 13.45
C ALA A 354 -4.59 -28.07 14.65
N VAL A 355 -4.35 -29.37 14.40
CA VAL A 355 -4.27 -30.38 15.49
C VAL A 355 -2.95 -31.23 15.53
N LEU A 356 -2.85 -32.12 16.53
CA LEU A 356 -1.57 -32.55 17.19
C LEU A 356 -0.49 -33.47 16.56
N SER A 357 -0.83 -34.33 15.61
CA SER A 357 0.09 -35.44 15.22
C SER A 357 1.11 -35.14 14.12
N ILE A 358 1.35 -33.87 13.88
CA ILE A 358 1.99 -33.41 12.65
C ILE A 358 3.47 -33.12 12.87
N ALA A 359 4.27 -33.37 11.82
CA ALA A 359 5.67 -32.96 11.82
C ALA A 359 5.78 -31.45 11.57
N SER A 360 6.96 -30.91 11.79
CA SER A 360 7.17 -29.47 11.62
C SER A 360 8.09 -29.16 10.43
N THR A 361 7.84 -29.84 9.30
CA THR A 361 8.53 -29.55 8.05
C THR A 361 7.94 -28.28 7.44
N VAL A 362 7.81 -27.28 8.31
CA VAL A 362 7.14 -26.03 8.02
C VAL A 362 7.98 -24.88 8.55
N LEU A 363 8.71 -25.15 9.63
CA LEU A 363 9.69 -24.22 10.16
C LEU A 363 10.77 -23.98 9.09
N LEU A 364 10.66 -24.76 8.01
CA LEU A 364 11.66 -24.82 6.94
C LEU A 364 11.38 -23.83 5.83
N PHE A 365 10.49 -22.88 6.12
CA PHE A 365 10.23 -21.75 5.25
C PHE A 365 9.78 -20.61 6.15
N ALA A 366 9.66 -20.93 7.44
CA ALA A 366 9.78 -19.92 8.47
C ALA A 366 11.14 -19.27 8.29
N GLY A 367 12.03 -19.97 7.58
CA GLY A 367 13.27 -19.41 7.08
C GLY A 367 13.08 -19.01 5.64
N LEU A 368 13.35 -19.97 4.72
CA LEU A 368 13.26 -19.79 3.25
C LEU A 368 12.83 -18.43 2.76
N PHE A 369 11.54 -18.18 2.96
CA PHE A 369 10.84 -17.05 2.40
C PHE A 369 10.65 -15.97 3.43
N GLN A 370 10.77 -16.34 4.69
CA GLN A 370 10.34 -15.47 5.76
C GLN A 370 11.15 -14.20 6.01
N PRO A 371 12.49 -14.29 6.09
CA PRO A 371 13.25 -13.03 6.12
C PRO A 371 13.57 -12.50 4.72
N ALA A 372 13.71 -13.41 3.75
CA ALA A 372 14.10 -13.11 2.36
C ALA A 372 12.95 -12.55 1.50
N ASP A 373 11.87 -12.15 2.16
CA ASP A 373 10.77 -11.37 1.56
C ASP A 373 10.05 -10.50 2.58
N PHE A 374 10.20 -10.83 3.86
CA PHE A 374 9.84 -9.94 4.95
C PHE A 374 9.84 -8.55 4.31
N THR A 375 10.96 -8.29 3.61
CA THR A 375 11.29 -7.03 2.97
C THR A 375 10.81 -6.93 1.50
N GLN A 376 11.05 -8.01 0.73
CA GLN A 376 11.04 -7.97 -0.75
C GLN A 376 9.81 -7.38 -1.44
N CYS A 377 8.75 -7.06 -0.72
CA CYS A 377 7.71 -6.32 -1.40
C CYS A 377 7.41 -4.94 -0.83
N ILE A 378 7.73 -4.77 0.46
CA ILE A 378 7.74 -3.46 1.11
C ILE A 378 8.76 -2.56 0.40
N ALA A 379 9.46 -3.19 -0.54
CA ALA A 379 10.10 -2.49 -1.63
C ALA A 379 9.06 -1.67 -2.37
N SER A 380 8.17 -2.34 -3.11
CA SER A 380 7.17 -1.60 -3.86
C SER A 380 6.40 -0.66 -2.93
N TYR A 381 6.04 -1.16 -1.74
CA TYR A 381 5.17 -0.42 -0.82
C TYR A 381 5.84 0.84 -0.33
N ALA A 382 6.52 1.49 -1.27
CA ALA A 382 7.44 2.60 -1.09
C ALA A 382 7.96 2.95 -2.48
N LEU A 383 7.70 2.06 -3.44
CA LEU A 383 8.00 2.36 -4.83
C LEU A 383 6.74 3.01 -5.36
N ARG A 384 5.67 2.24 -5.27
CA ARG A 384 4.38 2.88 -5.26
C ARG A 384 4.43 3.86 -4.09
N GLY A 385 4.86 3.35 -2.93
CA GLY A 385 4.84 4.10 -1.69
C GLY A 385 5.27 5.53 -1.89
N TYR A 386 6.21 5.70 -2.81
CA TYR A 386 6.75 7.00 -3.17
C TYR A 386 6.03 7.46 -4.42
N LYS A 387 5.96 6.54 -5.37
CA LYS A 387 5.97 6.94 -6.75
C LYS A 387 4.83 6.33 -7.51
N VAL A 388 4.92 6.46 -8.84
CA VAL A 388 4.07 5.77 -9.80
C VAL A 388 4.20 4.26 -9.58
N THR A 389 5.20 3.86 -8.79
CA THR A 389 5.73 2.53 -8.99
C THR A 389 4.91 1.33 -8.57
N LYS A 390 4.07 0.94 -9.52
CA LYS A 390 3.52 -0.39 -9.59
C LYS A 390 3.11 -0.75 -11.03
N VAL A 391 3.26 0.19 -11.95
CA VAL A 391 3.15 -0.10 -13.40
C VAL A 391 3.98 -1.35 -13.85
N PRO A 392 5.22 -1.52 -13.29
CA PRO A 392 6.07 -2.69 -13.52
C PRO A 392 6.22 -3.59 -12.30
N MET A 393 5.36 -3.35 -11.31
CA MET A 393 5.19 -4.23 -10.16
C MET A 393 4.15 -5.28 -10.46
N PHE A 394 3.02 -4.82 -10.99
CA PHE A 394 2.17 -5.67 -11.76
C PHE A 394 3.13 -6.64 -12.44
N ILE A 395 4.13 -6.08 -13.11
CA ILE A 395 5.11 -6.86 -13.84
C ILE A 395 6.29 -7.30 -12.97
N HIS A 396 6.41 -6.75 -11.75
CA HIS A 396 7.31 -7.32 -10.76
C HIS A 396 6.89 -8.76 -10.57
N ALA A 397 5.59 -9.00 -10.63
CA ALA A 397 5.00 -10.29 -10.33
C ALA A 397 4.68 -11.12 -11.59
N ALA A 398 5.11 -10.62 -12.76
CA ALA A 398 5.07 -11.41 -14.00
C ALA A 398 5.96 -12.65 -13.89
N ALA A 399 6.82 -12.66 -12.87
CA ALA A 399 7.72 -13.77 -12.57
C ALA A 399 7.34 -14.48 -11.27
N PHE A 400 6.83 -13.73 -10.30
CA PHE A 400 6.60 -14.28 -8.96
C PHE A 400 5.42 -15.25 -8.93
N TRP A 401 4.77 -15.38 -10.08
CA TRP A 401 3.75 -16.38 -10.38
C TRP A 401 4.29 -17.25 -11.50
N GLY A 402 4.53 -16.63 -12.66
CA GLY A 402 4.96 -17.31 -13.89
C GLY A 402 6.41 -17.77 -13.93
N CYS A 403 7.06 -17.77 -12.76
CA CYS A 403 8.34 -18.46 -12.56
C CYS A 403 8.14 -19.53 -11.48
N GLY A 404 6.90 -19.66 -11.00
CA GLY A 404 6.50 -20.75 -10.14
C GLY A 404 5.88 -21.91 -10.91
N LEU A 405 6.02 -21.88 -12.23
CA LEU A 405 5.49 -22.90 -13.13
C LEU A 405 5.84 -24.30 -12.65
N LEU A 406 7.13 -24.65 -12.70
CA LEU A 406 7.61 -25.91 -12.10
C LEU A 406 7.97 -25.77 -10.62
N PRO A 407 8.40 -24.56 -10.18
CA PRO A 407 8.41 -24.27 -8.75
C PRO A 407 7.00 -24.34 -8.16
N GLY A 408 6.15 -25.09 -8.87
CA GLY A 408 4.84 -25.52 -8.39
C GLY A 408 4.86 -27.03 -8.21
N TYR A 409 5.18 -27.75 -9.27
CA TYR A 409 5.48 -29.18 -9.17
C TYR A 409 6.98 -29.37 -9.06
N LEU A 410 7.51 -28.88 -7.95
CA LEU A 410 8.90 -29.10 -7.61
C LEU A 410 9.06 -29.57 -6.17
N LEU A 411 7.96 -29.59 -5.42
CA LEU A 411 7.85 -30.40 -4.21
C LEU A 411 7.66 -31.84 -4.71
N ALA A 412 6.79 -31.98 -5.71
CA ALA A 412 6.45 -33.25 -6.34
C ALA A 412 7.25 -33.45 -7.63
N TYR A 413 8.56 -33.68 -7.44
CA TYR A 413 9.53 -33.82 -8.52
C TYR A 413 10.93 -33.76 -7.88
N ARG A 414 11.12 -34.53 -6.81
CA ARG A 414 12.17 -34.23 -5.82
C ARG A 414 13.37 -35.19 -5.73
N PHE A 415 14.36 -34.79 -4.92
CA PHE A 415 15.60 -35.54 -4.67
C PHE A 415 15.84 -35.80 -3.17
N ASP A 416 15.33 -34.92 -2.32
CA ASP A 416 15.44 -35.04 -0.85
C ASP A 416 14.05 -34.92 -0.19
N MET A 417 13.99 -34.57 1.10
CA MET A 417 12.72 -34.28 1.79
C MET A 417 12.13 -32.95 1.30
N GLY A 418 11.67 -32.93 0.05
CA GLY A 418 11.26 -31.70 -0.62
C GLY A 418 9.83 -31.27 -0.36
N ILE A 419 9.59 -30.80 0.86
CA ILE A 419 8.31 -30.22 1.25
C ILE A 419 8.30 -28.74 0.90
N TYR A 420 9.46 -28.11 0.98
CA TYR A 420 9.64 -26.75 0.50
C TYR A 420 10.34 -26.80 -0.86
N GLY A 421 9.97 -27.80 -1.64
CA GLY A 421 10.61 -28.11 -2.91
C GLY A 421 10.19 -27.26 -4.08
N PHE A 422 8.94 -26.81 -4.07
CA PHE A 422 8.45 -25.88 -5.09
C PHE A 422 8.45 -24.47 -4.52
N TRP A 423 8.67 -24.40 -3.20
CA TRP A 423 9.19 -23.21 -2.55
C TRP A 423 10.60 -23.02 -3.10
N THR A 424 10.79 -23.53 -4.31
CA THR A 424 12.03 -23.36 -5.04
C THR A 424 12.06 -21.94 -5.57
N ALA A 425 11.99 -21.79 -6.91
CA ALA A 425 11.91 -20.47 -7.53
C ALA A 425 10.56 -19.84 -7.20
N LEU A 426 10.19 -19.99 -5.95
CA LEU A 426 9.15 -19.21 -5.34
C LEU A 426 9.56 -18.78 -3.92
N ILE A 427 10.67 -19.33 -3.41
CA ILE A 427 11.45 -18.60 -2.38
C ILE A 427 12.76 -18.07 -3.02
N ALA A 428 12.91 -18.37 -4.31
CA ALA A 428 13.95 -17.81 -5.15
C ALA A 428 13.34 -16.96 -6.27
N SER A 429 12.02 -17.08 -6.45
CA SER A 429 11.23 -16.06 -7.13
C SER A 429 11.23 -14.89 -6.15
N LEU A 430 11.12 -15.29 -4.88
CA LEU A 430 10.92 -14.42 -3.74
C LEU A 430 12.17 -13.64 -3.34
N THR A 431 13.32 -14.10 -3.82
CA THR A 431 14.53 -13.35 -3.56
C THR A 431 15.04 -12.74 -4.86
N ILE A 432 14.37 -13.00 -5.98
CA ILE A 432 14.58 -12.14 -7.19
C ILE A 432 13.71 -10.87 -7.10
N ALA A 433 13.93 -10.17 -5.99
CA ALA A 433 13.35 -8.88 -5.70
C ALA A 433 14.38 -8.11 -4.87
N ALA A 434 15.16 -8.85 -4.07
CA ALA A 434 16.35 -8.30 -3.40
C ALA A 434 17.28 -7.78 -4.48
N VAL A 435 16.97 -8.22 -5.70
CA VAL A 435 17.43 -7.59 -6.93
C VAL A 435 16.24 -6.90 -7.57
N ALA A 436 15.71 -7.51 -8.64
CA ALA A 436 14.60 -6.99 -9.41
C ALA A 436 13.95 -5.72 -8.79
N LEU A 437 13.55 -5.83 -7.51
CA LEU A 437 12.82 -4.75 -6.82
C LEU A 437 13.66 -3.68 -6.11
N VAL A 438 14.34 -4.01 -5.02
CA VAL A 438 15.11 -2.97 -4.34
C VAL A 438 16.28 -2.50 -5.20
N TRP A 439 16.67 -3.37 -6.14
CA TRP A 439 17.69 -3.01 -7.12
C TRP A 439 17.14 -1.91 -7.97
N CYS A 440 15.86 -1.98 -8.26
CA CYS A 440 15.27 -0.86 -8.94
C CYS A 440 15.22 0.42 -8.04
N LEU A 441 14.99 0.20 -6.74
CA LEU A 441 14.80 1.25 -5.72
C LEU A 441 16.04 2.13 -5.40
N GLU A 442 17.24 1.62 -5.64
CA GLU A 442 18.44 2.47 -5.56
C GLU A 442 18.79 2.99 -6.96
N LYS A 443 18.01 2.58 -7.96
CA LYS A 443 18.14 3.11 -9.32
C LYS A 443 17.18 4.28 -9.53
N TYR A 444 15.96 4.13 -9.02
CA TYR A 444 15.01 5.20 -9.15
C TYR A 444 15.00 6.03 -7.88
N SER A 445 15.52 5.48 -6.80
CA SER A 445 15.95 6.30 -5.68
C SER A 445 16.84 7.40 -6.23
N MET A 446 17.50 7.06 -7.33
CA MET A 446 18.47 7.91 -7.99
C MET A 446 17.89 8.51 -9.26
N GLU A 447 16.63 8.90 -9.15
CA GLU A 447 16.06 9.94 -10.00
C GLU A 447 15.94 11.16 -9.11
N LEU A 448 16.16 10.95 -7.82
CA LEU A 448 16.36 12.03 -6.85
C LEU A 448 17.83 12.43 -6.89
N VAL A 449 18.20 12.68 -8.14
CA VAL A 449 19.46 13.14 -8.63
C VAL A 449 18.94 13.89 -9.84
N LYS A 450 18.10 13.20 -10.61
CA LYS A 450 17.44 13.76 -11.77
C LYS A 450 16.45 14.86 -11.38
N SER A 451 15.68 14.61 -10.33
CA SER A 451 14.63 15.54 -9.91
C SER A 451 15.07 16.57 -8.86
N HIS A 452 16.05 16.20 -8.04
CA HIS A 452 16.68 17.17 -7.12
C HIS A 452 17.62 18.04 -7.95
N LYS A 453 17.05 18.71 -8.95
CA LYS A 453 17.82 19.54 -9.86
C LYS A 453 18.17 20.90 -9.22
N ALA A 454 18.91 20.78 -8.10
CA ALA A 454 19.66 21.86 -7.46
C ALA A 454 19.88 21.61 -5.96
N VAL A 455 21.02 20.97 -5.69
CA VAL A 455 21.42 20.39 -4.39
C VAL A 455 21.29 21.26 -3.13
N SER A 456 21.51 22.57 -3.29
CA SER A 456 21.66 23.50 -2.16
C SER A 456 21.65 24.99 -2.53
N SER A 457 20.64 25.70 -2.01
CA SER A 457 20.42 27.10 -2.34
C SER A 457 21.21 28.03 -1.44
N GLY A 458 20.95 29.34 -1.58
CA GLY A 458 21.53 30.34 -0.70
C GLY A 458 21.19 30.08 0.75
N LEU A 459 21.72 30.91 1.65
CA LEU A 459 21.46 30.72 3.08
C LEU A 459 21.33 32.06 3.79
N VAL B 9 19.94 45.05 3.78
CA VAL B 9 20.91 43.91 3.84
C VAL B 9 20.18 42.58 4.20
N SER B 10 20.25 41.60 3.28
CA SER B 10 19.51 40.31 3.41
C SER B 10 20.11 39.14 2.59
N SER B 11 19.26 38.24 2.09
CA SER B 11 19.66 37.16 1.17
C SER B 11 18.74 37.13 -0.07
N VAL B 12 18.53 35.94 -0.64
CA VAL B 12 17.95 35.78 -1.99
C VAL B 12 16.38 35.68 -1.98
N PRO B 13 15.74 35.31 -3.14
CA PRO B 13 14.64 34.32 -2.98
C PRO B 13 15.42 33.29 -2.16
N THR B 14 15.10 32.02 -2.07
CA THR B 14 16.21 31.22 -1.48
C THR B 14 16.51 29.91 -2.22
N LYS B 15 15.56 28.99 -2.24
CA LYS B 15 15.77 27.68 -2.86
C LYS B 15 16.07 27.67 -4.38
N LEU B 16 16.59 26.51 -4.80
CA LEU B 16 17.28 26.25 -6.08
C LEU B 16 16.60 25.16 -6.91
N GLU B 17 15.39 25.34 -7.44
CA GLU B 17 14.75 24.14 -7.99
C GLU B 17 14.05 24.22 -9.36
N VAL B 18 14.81 23.92 -10.42
CA VAL B 18 14.18 23.40 -11.63
C VAL B 18 14.07 21.94 -11.24
N VAL B 19 12.97 21.29 -11.61
CA VAL B 19 12.93 19.85 -11.39
C VAL B 19 13.43 19.25 -12.70
N ALA B 20 12.83 19.71 -13.79
CA ALA B 20 13.10 19.21 -15.11
C ALA B 20 12.15 19.91 -16.03
N ALA B 21 11.65 19.13 -16.97
CA ALA B 21 11.22 19.65 -18.25
C ALA B 21 10.03 18.92 -18.82
N THR B 22 9.49 19.52 -19.88
CA THR B 22 8.87 18.80 -20.96
C THR B 22 9.87 18.96 -22.09
N PRO B 23 10.91 18.11 -22.11
CA PRO B 23 12.17 18.30 -22.81
C PRO B 23 12.41 19.73 -23.28
N THR B 24 11.69 20.17 -24.31
CA THR B 24 11.82 21.53 -24.85
C THR B 24 11.69 22.61 -23.74
N SER B 25 10.63 22.52 -22.96
CA SER B 25 10.34 23.45 -21.86
C SER B 25 10.75 22.84 -20.53
N LEU B 26 10.62 23.60 -19.44
CA LEU B 26 11.14 23.21 -18.13
C LEU B 26 10.37 23.78 -16.97
N LEU B 27 10.41 23.05 -15.87
CA LEU B 27 9.85 23.51 -14.60
C LEU B 27 10.89 24.34 -13.88
N ILE B 28 10.41 25.17 -12.93
CA ILE B 28 11.24 26.16 -12.24
C ILE B 28 10.74 26.39 -10.81
N SER B 29 10.39 25.35 -10.09
CA SER B 29 9.60 25.57 -8.85
C SER B 29 10.41 25.91 -7.58
N TRP B 30 10.65 27.20 -7.37
CA TRP B 30 11.58 27.62 -6.32
C TRP B 30 10.95 28.10 -5.03
N ASP B 31 11.82 28.37 -4.05
CA ASP B 31 11.40 28.99 -2.81
C ASP B 31 10.84 30.35 -3.14
N ALA B 32 9.59 30.51 -2.73
CA ALA B 32 8.91 31.77 -2.62
C ALA B 32 7.87 31.54 -1.53
N ARG B 33 8.30 31.69 -0.27
CA ARG B 33 7.42 31.43 0.89
C ARG B 33 6.55 32.64 1.23
N GLY B 34 5.31 32.60 0.74
CA GLY B 34 4.52 33.80 0.57
C GLY B 34 5.12 34.66 -0.51
N GLU B 35 4.71 35.92 -0.51
CA GLU B 35 5.29 36.90 -1.39
C GLU B 35 5.88 37.95 -0.50
N TYR B 36 6.22 39.07 -1.09
CA TYR B 36 6.27 40.28 -0.34
C TYR B 36 5.32 41.28 -0.95
N VAL B 37 5.48 42.54 -0.56
CA VAL B 37 5.06 43.62 -1.43
C VAL B 37 6.03 43.32 -2.58
N VAL B 38 5.55 42.54 -3.54
CA VAL B 38 6.48 41.70 -4.25
C VAL B 38 6.29 41.78 -5.75
N TYR B 39 7.06 40.95 -6.43
CA TYR B 39 7.23 40.93 -7.86
C TYR B 39 8.36 39.99 -7.98
N TYR B 40 8.43 39.37 -9.14
CA TYR B 40 9.55 38.52 -9.47
C TYR B 40 9.95 38.82 -10.89
N ARG B 41 11.14 38.40 -11.23
CA ARG B 41 11.61 38.37 -12.59
C ARG B 41 12.49 37.17 -12.61
N ILE B 42 12.55 36.56 -13.78
CA ILE B 42 13.48 35.47 -13.99
C ILE B 42 14.28 35.78 -15.22
N THR B 43 15.60 35.65 -15.07
CA THR B 43 16.46 35.65 -16.25
C THR B 43 16.23 34.42 -17.10
N TYR B 44 16.62 34.62 -18.35
CA TYR B 44 16.30 33.74 -19.42
C TYR B 44 17.46 33.90 -20.36
N GLY B 45 18.59 33.45 -19.88
CA GLY B 45 19.75 33.27 -20.73
C GLY B 45 20.17 31.84 -20.58
N GLU B 46 21.08 31.41 -21.45
CA GLU B 46 21.87 30.23 -21.15
C GLU B 46 23.10 30.66 -20.37
N THR B 47 24.27 30.35 -20.90
CA THR B 47 25.48 30.52 -20.13
C THR B 47 26.63 31.06 -20.96
N GLY B 48 26.30 31.55 -22.14
CA GLY B 48 27.27 32.22 -22.99
C GLY B 48 27.11 33.71 -22.83
N GLY B 49 25.86 34.17 -22.73
CA GLY B 49 25.54 35.61 -22.77
C GLY B 49 25.43 36.11 -24.20
N ASN B 50 25.50 35.18 -25.16
CA ASN B 50 25.37 35.46 -26.59
C ASN B 50 23.92 35.64 -27.03
N SER B 51 23.15 34.54 -26.96
CA SER B 51 21.70 34.58 -27.15
C SER B 51 21.12 35.31 -25.94
N PRO B 52 20.60 36.53 -26.17
CA PRO B 52 20.31 37.47 -25.09
C PRO B 52 19.45 36.97 -23.93
N VAL B 53 19.20 37.90 -23.01
CA VAL B 53 18.47 37.64 -21.79
C VAL B 53 16.98 37.86 -22.00
N GLN B 54 16.15 37.13 -21.25
CA GLN B 54 14.71 37.38 -21.29
C GLN B 54 14.06 37.40 -19.91
N GLU B 55 12.86 37.98 -19.89
CA GLU B 55 12.27 38.38 -18.63
C GLU B 55 10.86 37.89 -18.48
N PHE B 56 10.74 36.73 -17.85
CA PHE B 56 9.46 36.36 -17.29
C PHE B 56 9.28 37.20 -16.03
N THR B 57 8.05 37.30 -15.55
CA THR B 57 7.75 38.19 -14.38
C THR B 57 6.39 38.01 -13.69
N VAL B 58 6.45 37.92 -12.36
CA VAL B 58 5.36 37.26 -11.65
C VAL B 58 5.25 37.73 -10.19
N PRO B 59 4.29 37.18 -9.42
CA PRO B 59 4.06 38.05 -8.27
C PRO B 59 3.95 37.49 -6.83
N GLY B 60 3.13 36.45 -6.67
CA GLY B 60 2.52 36.12 -5.39
C GLY B 60 3.50 35.38 -4.56
N SER B 61 3.38 34.06 -4.55
CA SER B 61 4.37 33.19 -3.93
C SER B 61 5.05 32.38 -5.06
N SER B 62 5.25 33.10 -6.17
CA SER B 62 5.27 32.51 -7.51
C SER B 62 6.64 32.33 -8.22
N SER B 63 7.74 32.13 -7.45
CA SER B 63 9.03 31.63 -8.02
C SER B 63 8.82 30.16 -8.47
N THR B 64 7.84 29.53 -7.81
CA THR B 64 7.31 28.18 -8.03
C THR B 64 6.57 27.92 -9.38
N ALA B 65 7.02 28.57 -10.45
CA ALA B 65 6.42 28.40 -11.80
C ALA B 65 7.41 27.81 -12.78
N THR B 66 7.25 28.17 -14.06
CA THR B 66 7.84 27.43 -15.20
C THR B 66 7.98 28.27 -16.46
N ILE B 67 8.85 27.82 -17.35
CA ILE B 67 9.27 28.62 -18.52
C ILE B 67 8.50 28.41 -19.83
N SER B 68 9.14 28.80 -20.93
CA SER B 68 8.65 28.57 -22.29
C SER B 68 9.76 27.90 -23.11
N GLY B 69 10.33 26.83 -22.56
CA GLY B 69 11.59 26.21 -23.03
C GLY B 69 11.76 26.10 -24.53
N LEU B 70 12.72 26.85 -25.04
CA LEU B 70 12.73 27.22 -26.46
C LEU B 70 13.54 26.33 -27.40
N SER B 71 14.68 25.86 -26.94
CA SER B 71 15.57 25.09 -27.79
C SER B 71 15.85 23.72 -27.18
N PRO B 72 16.85 22.97 -27.69
CA PRO B 72 17.12 21.60 -27.21
C PRO B 72 17.52 21.52 -25.74
N GLY B 73 18.66 20.87 -25.46
CA GLY B 73 19.13 20.70 -24.09
C GLY B 73 20.47 21.32 -23.73
N VAL B 74 20.72 22.53 -24.23
CA VAL B 74 21.98 23.25 -24.00
C VAL B 74 22.00 23.90 -22.61
N ASP B 75 23.18 24.33 -22.12
CA ASP B 75 23.27 24.89 -20.75
C ASP B 75 22.62 26.26 -20.60
N TYR B 76 21.56 26.31 -19.79
CA TYR B 76 20.72 27.49 -19.62
C TYR B 76 20.77 28.04 -18.22
N THR B 77 21.23 29.27 -18.08
CA THR B 77 21.40 29.78 -16.74
C THR B 77 20.51 30.92 -16.26
N ILE B 78 19.69 30.54 -15.29
CA ILE B 78 18.43 31.18 -15.11
C ILE B 78 18.25 31.69 -13.68
N THR B 79 18.02 33.00 -13.62
CA THR B 79 17.96 33.70 -12.33
C THR B 79 16.56 34.09 -12.04
N VAL B 80 16.32 34.22 -10.75
CA VAL B 80 15.06 34.73 -10.28
C VAL B 80 15.31 35.91 -9.35
N TYR B 81 14.37 36.83 -9.38
CA TYR B 81 14.55 38.08 -8.69
C TYR B 81 13.54 38.43 -7.64
N ALA B 82 14.06 38.68 -6.43
CA ALA B 82 13.28 39.30 -5.37
C ALA B 82 12.90 40.78 -5.73
N ARG B 83 11.84 41.31 -5.12
CA ARG B 83 11.53 42.75 -5.09
C ARG B 83 10.59 42.97 -3.95
N SER B 84 10.79 44.07 -3.23
CA SER B 84 9.87 44.36 -2.14
C SER B 84 9.76 45.82 -1.80
N TYR B 85 9.28 46.10 -0.59
CA TYR B 85 8.75 47.43 -0.21
C TYR B 85 9.42 48.61 -0.90
N TYR B 86 10.66 48.93 -0.52
CA TYR B 86 11.47 49.79 -1.38
C TYR B 86 11.55 48.99 -2.67
N TRP B 87 10.97 49.58 -3.71
CA TRP B 87 10.79 49.01 -5.03
C TRP B 87 12.02 48.28 -5.61
N GLY B 88 12.93 47.94 -4.69
CA GLY B 88 14.24 47.40 -4.98
C GLY B 88 14.36 45.99 -4.46
N TRP B 89 15.50 45.40 -4.75
CA TRP B 89 15.62 43.96 -5.03
C TRP B 89 16.34 43.09 -4.03
N TYR B 90 15.59 42.27 -3.31
CA TYR B 90 16.12 41.57 -2.15
C TYR B 90 17.49 40.96 -2.40
N SER B 91 17.52 39.89 -3.17
CA SER B 91 18.76 39.49 -3.79
C SER B 91 18.32 38.44 -4.75
N PRO B 92 19.05 38.32 -5.86
CA PRO B 92 18.68 37.24 -6.74
C PRO B 92 19.36 35.97 -6.30
N ILE B 93 18.70 34.85 -6.56
CA ILE B 93 19.45 33.60 -6.63
C ILE B 93 19.39 32.96 -8.04
N SER B 94 20.41 32.18 -8.37
CA SER B 94 20.50 31.67 -9.72
C SER B 94 21.19 30.32 -9.92
N ILE B 95 20.91 29.76 -11.10
CA ILE B 95 21.06 28.35 -11.38
C ILE B 95 21.13 28.09 -12.93
N ASN B 96 21.70 26.97 -13.34
CA ASN B 96 22.02 26.74 -14.76
C ASN B 96 21.59 25.41 -15.40
N TYR B 97 21.05 24.49 -14.60
CA TYR B 97 20.87 23.10 -15.04
C TYR B 97 19.76 22.75 -16.07
N ARG B 98 20.24 22.53 -17.28
CA ARG B 98 19.58 22.79 -18.57
C ARG B 98 19.11 21.63 -19.46
N THR B 99 17.99 20.97 -19.11
CA THR B 99 17.47 19.77 -19.83
C THR B 99 17.79 18.46 -19.11
#